data_1AL5
#
_entry.id   1AL5
#
_cell.length_a   1.000
_cell.length_b   1.000
_cell.length_c   1.000
_cell.angle_alpha   90.00
_cell.angle_beta   90.00
_cell.angle_gamma   90.00
#
_symmetry.space_group_name_H-M   'P 1'
#
_entity_poly.entity_id   1
_entity_poly.type   'polyribonucleotide'
_entity_poly.pdbx_seq_one_letter_code
;CGCAAAUUUGCG
;
_entity_poly.pdbx_strand_id   A,B
#